data_1M2R
#
_entry.id   1M2R
#
_cell.length_a   143.110
_cell.length_b   51.830
_cell.length_c   44.710
_cell.angle_alpha   90.00
_cell.angle_beta   99.65
_cell.angle_gamma   90.00
#
_symmetry.space_group_name_H-M   'C 1 2 1'
#
loop_
_entity.id
_entity.type
_entity.pdbx_description
1 polymer 'CASEIN kinase II, alpha chain'
2 non-polymer 5,8-DI-AMINO-1,4-DIHYDROXY-ANTHRAQUINONE
3 water water
#
_entity_poly.entity_id   1
_entity_poly.type   'polypeptide(L)'
_entity_poly.pdbx_seq_one_letter_code
;SKARVYADVNVLRPKEYWDYEALTVQWGEQDDYEVVRKVGRGKYSEVFEGINVNNNEKCIIKILKPVKKKKIKREIKILQ
NLCGGPNIVKLLDIVRDQHSKTPSLIFEYVNNTDFKVLYPTLTDYDIRYYIYELLKALDYCHSQGIMHRDVKPHNVMIDH
ELRKLRLIDWGLAEFYHPGKEYNVRVASRYFKGPELLVDLQDYDYSLDMWSLGCMFAGMIFRKEPFFYGHDNHDQLVKIA
KVLGTDGLNVYLNKYRIELDPQLEALVGRHSRKPWLKFMNADNQHLVSPEAIDFLDKLLRYDHQERLTALEAMTHPYFQQ
VRAAENS
;
_entity_poly.pdbx_strand_id   A
#
# COMPACT_ATOMS: atom_id res chain seq x y z
N SER A 1 -20.80 7.05 2.48
CA SER A 1 -19.94 5.92 2.94
C SER A 1 -18.91 6.41 3.96
N LYS A 2 -18.69 5.63 5.01
CA LYS A 2 -17.71 5.98 6.04
C LYS A 2 -16.99 4.71 6.48
N ALA A 3 -15.76 4.86 6.96
CA ALA A 3 -14.97 3.72 7.43
C ALA A 3 -15.70 2.97 8.53
N ARG A 4 -15.62 1.64 8.51
CA ARG A 4 -16.27 0.84 9.55
C ARG A 4 -15.45 0.80 10.83
N VAL A 5 -14.20 1.21 10.74
CA VAL A 5 -13.30 1.26 11.89
C VAL A 5 -12.42 2.51 11.80
N TYR A 6 -11.94 2.96 12.96
CA TYR A 6 -11.07 4.14 13.07
C TYR A 6 -11.63 5.39 12.39
N ALA A 7 -12.94 5.49 12.29
CA ALA A 7 -13.54 6.63 11.63
C ALA A 7 -13.31 7.95 12.36
N ASP A 8 -13.23 7.92 13.68
CA ASP A 8 -13.06 9.15 14.46
C ASP A 8 -11.67 9.47 14.97
N VAL A 9 -10.67 8.72 14.51
CA VAL A 9 -9.30 8.95 14.96
C VAL A 9 -8.86 10.40 14.85
N ASN A 10 -9.03 11.01 13.69
CA ASN A 10 -8.61 12.39 13.52
C ASN A 10 -9.57 13.39 14.15
N VAL A 11 -10.80 12.95 14.43
CA VAL A 11 -11.79 13.80 15.08
C VAL A 11 -11.36 13.99 16.53
N LEU A 12 -10.90 12.91 17.16
CA LEU A 12 -10.48 12.93 18.56
C LEU A 12 -9.07 13.47 18.81
N ARG A 13 -8.29 13.68 17.75
CA ARG A 13 -6.93 14.18 17.91
C ARG A 13 -6.83 15.67 17.63
N PRO A 14 -5.85 16.34 18.25
CA PRO A 14 -5.62 17.78 18.07
C PRO A 14 -5.47 18.14 16.60
N LYS A 15 -5.91 19.34 16.25
CA LYS A 15 -5.81 19.80 14.87
C LYS A 15 -4.40 19.70 14.32
N GLU A 16 -3.40 19.95 15.16
CA GLU A 16 -2.01 19.90 14.67
C GLU A 16 -1.56 18.52 14.22
N TYR A 17 -2.26 17.48 14.65
CA TYR A 17 -1.90 16.12 14.24
C TYR A 17 -2.15 15.93 12.76
N TRP A 18 -3.34 16.35 12.30
CA TRP A 18 -3.71 16.19 10.90
C TRP A 18 -3.63 17.42 10.03
N ASP A 19 -3.32 18.57 10.61
CA ASP A 19 -3.22 19.79 9.83
C ASP A 19 -1.78 19.96 9.35
N TYR A 20 -1.41 19.14 8.38
CA TYR A 20 -0.05 19.12 7.84
C TYR A 20 0.39 20.41 7.17
N GLU A 21 -0.56 21.23 6.75
CA GLU A 21 -0.21 22.48 6.11
C GLU A 21 0.43 23.45 7.10
N ALA A 22 0.07 23.32 8.38
CA ALA A 22 0.62 24.20 9.41
C ALA A 22 2.03 23.77 9.80
N LEU A 23 2.44 22.63 9.29
CA LEU A 23 3.75 22.10 9.60
C LEU A 23 4.89 23.02 9.18
N THR A 24 5.81 23.26 10.11
CA THR A 24 6.99 24.06 9.84
C THR A 24 8.11 23.06 10.04
N VAL A 25 8.84 22.78 8.97
CA VAL A 25 9.93 21.80 8.99
C VAL A 25 11.19 22.29 9.69
N GLN A 26 11.79 21.42 10.50
CA GLN A 26 13.03 21.75 11.19
C GLN A 26 14.11 20.96 10.44
N TRP A 27 14.89 21.67 9.63
CA TRP A 27 15.92 21.05 8.80
C TRP A 27 17.22 20.61 9.47
N GLY A 28 17.80 19.54 8.92
CA GLY A 28 19.05 19.02 9.43
C GLY A 28 20.18 19.44 8.50
N GLU A 29 21.34 18.80 8.63
CA GLU A 29 22.48 19.14 7.79
C GLU A 29 22.70 18.09 6.70
N GLN A 30 22.60 18.53 5.45
CA GLN A 30 22.76 17.68 4.26
C GLN A 30 24.12 16.96 4.22
N ASP A 31 25.16 17.66 4.64
CA ASP A 31 26.52 17.13 4.64
C ASP A 31 26.71 15.97 5.61
N ASP A 32 25.70 15.70 6.44
CA ASP A 32 25.77 14.60 7.39
C ASP A 32 25.66 13.26 6.68
N TYR A 33 25.04 13.28 5.50
CA TYR A 33 24.83 12.06 4.73
C TYR A 33 25.43 12.14 3.34
N GLU A 34 25.92 10.99 2.87
CA GLU A 34 26.52 10.92 1.55
C GLU A 34 26.03 9.75 0.73
N VAL A 35 25.73 10.03 -0.53
CA VAL A 35 25.26 9.01 -1.45
C VAL A 35 26.35 7.96 -1.67
N VAL A 36 26.01 6.70 -1.45
CA VAL A 36 26.96 5.61 -1.63
C VAL A 36 26.70 4.98 -3.00
N ARG A 37 25.43 4.70 -3.25
CA ARG A 37 25.00 4.11 -4.50
C ARG A 37 23.48 4.20 -4.63
N LYS A 38 23.04 4.47 -5.85
CA LYS A 38 21.63 4.62 -6.17
C LYS A 38 20.96 3.25 -6.08
N VAL A 39 19.76 3.21 -5.51
CA VAL A 39 19.03 1.96 -5.36
C VAL A 39 17.62 2.04 -5.92
N GLY A 40 17.07 3.25 -5.98
CA GLY A 40 15.72 3.41 -6.48
C GLY A 40 15.54 4.70 -7.26
N ARG A 41 14.52 4.70 -8.10
CA ARG A 41 14.22 5.86 -8.95
C ARG A 41 12.74 5.85 -9.24
N GLY A 42 12.13 7.02 -9.14
CA GLY A 42 10.72 7.15 -9.43
C GLY A 42 10.52 8.52 -10.03
N LYS A 43 9.30 8.83 -10.47
CA LYS A 43 9.03 10.13 -11.04
C LYS A 43 8.78 11.17 -9.94
N TYR A 44 8.79 10.70 -8.70
CA TYR A 44 8.56 11.58 -7.55
C TYR A 44 9.75 11.68 -6.61
N SER A 45 10.80 10.92 -6.90
CA SER A 45 11.99 10.95 -6.06
C SER A 45 13.03 9.97 -6.54
N GLU A 46 14.25 10.14 -6.04
CA GLU A 46 15.36 9.26 -6.35
C GLU A 46 15.80 8.74 -5.00
N VAL A 47 16.16 7.46 -4.94
CA VAL A 47 16.56 6.87 -3.68
C VAL A 47 17.98 6.32 -3.74
N PHE A 48 18.81 6.73 -2.78
CA PHE A 48 20.19 6.28 -2.73
C PHE A 48 20.49 5.61 -1.41
N GLU A 49 21.31 4.56 -1.46
CA GLU A 49 21.74 3.91 -0.24
C GLU A 49 22.76 4.95 0.16
N GLY A 50 22.83 5.29 1.43
CA GLY A 50 23.79 6.29 1.84
C GLY A 50 24.52 5.89 3.10
N ILE A 51 25.32 6.83 3.60
CA ILE A 51 26.09 6.61 4.80
C ILE A 51 26.11 7.90 5.61
N ASN A 52 25.98 7.77 6.93
CA ASN A 52 26.04 8.91 7.83
C ASN A 52 27.54 9.04 8.08
N VAL A 53 28.16 10.08 7.54
CA VAL A 53 29.60 10.26 7.69
C VAL A 53 30.06 10.67 9.10
N ASN A 54 29.12 10.79 10.02
CA ASN A 54 29.45 11.13 11.41
C ASN A 54 29.74 9.87 12.21
N ASN A 55 29.16 8.74 11.78
CA ASN A 55 29.36 7.47 12.50
C ASN A 55 29.40 6.19 11.65
N ASN A 56 29.49 6.32 10.33
CA ASN A 56 29.55 5.16 9.44
C ASN A 56 28.25 4.33 9.42
N GLU A 57 27.16 4.92 9.88
CA GLU A 57 25.88 4.21 9.91
C GLU A 57 25.21 4.28 8.54
N LYS A 58 24.70 3.15 8.07
CA LYS A 58 24.05 3.13 6.77
C LYS A 58 22.67 3.79 6.88
N CYS A 59 22.19 4.33 5.77
CA CYS A 59 20.90 4.96 5.74
C CYS A 59 20.41 5.01 4.30
N ILE A 60 19.19 5.48 4.11
CA ILE A 60 18.61 5.60 2.79
C ILE A 60 18.32 7.09 2.63
N ILE A 61 18.67 7.62 1.46
CA ILE A 61 18.44 9.03 1.17
C ILE A 61 17.43 9.10 0.03
N LYS A 62 16.27 9.69 0.29
CA LYS A 62 15.23 9.82 -0.72
C LYS A 62 15.14 11.28 -1.10
N ILE A 63 15.68 11.61 -2.27
CA ILE A 63 15.66 12.98 -2.77
C ILE A 63 14.40 13.19 -3.58
N LEU A 64 13.53 14.06 -3.08
CA LEU A 64 12.27 14.34 -3.74
C LEU A 64 12.47 15.24 -4.96
N LYS A 65 11.62 15.07 -5.97
CA LYS A 65 11.69 15.91 -7.15
C LYS A 65 10.80 17.11 -6.85
N PRO A 66 11.08 18.26 -7.47
CA PRO A 66 10.25 19.44 -7.20
C PRO A 66 8.75 19.21 -7.33
N VAL A 67 8.04 19.34 -6.21
CA VAL A 67 6.59 19.18 -6.19
C VAL A 67 6.03 20.17 -5.19
N LYS A 68 4.72 20.41 -5.24
CA LYS A 68 4.08 21.36 -4.34
C LYS A 68 4.45 21.17 -2.89
N LYS A 69 4.76 22.28 -2.23
CA LYS A 69 5.15 22.32 -0.84
C LYS A 69 4.16 21.54 0.03
N LYS A 70 2.87 21.73 -0.25
CA LYS A 70 1.81 21.07 0.50
C LYS A 70 1.93 19.54 0.49
N LYS A 71 2.21 18.98 -0.67
CA LYS A 71 2.33 17.53 -0.82
C LYS A 71 3.47 16.98 0.04
N ILE A 72 4.56 17.71 0.13
CA ILE A 72 5.70 17.26 0.91
C ILE A 72 5.49 17.45 2.42
N LYS A 73 4.77 18.49 2.83
CA LYS A 73 4.49 18.69 4.26
C LYS A 73 3.59 17.53 4.70
N ARG A 74 2.72 17.11 3.78
CA ARG A 74 1.78 16.01 4.07
C ARG A 74 2.56 14.72 4.33
N GLU A 75 3.51 14.41 3.46
CA GLU A 75 4.31 13.19 3.60
C GLU A 75 5.16 13.25 4.88
N ILE A 76 5.79 14.39 5.14
CA ILE A 76 6.61 14.51 6.34
C ILE A 76 5.76 14.39 7.60
N LYS A 77 4.61 15.04 7.60
CA LYS A 77 3.71 15.01 8.75
C LYS A 77 3.24 13.58 9.04
N ILE A 78 2.86 12.86 7.99
CA ILE A 78 2.41 11.48 8.12
C ILE A 78 3.55 10.58 8.61
N LEU A 79 4.74 10.79 8.08
CA LEU A 79 5.90 10.01 8.48
C LEU A 79 6.22 10.23 9.96
N GLN A 80 6.12 11.49 10.39
CA GLN A 80 6.39 11.83 11.78
C GLN A 80 5.30 11.25 12.69
N ASN A 81 4.06 11.27 12.22
CA ASN A 81 2.94 10.73 12.99
C ASN A 81 3.02 9.20 13.16
N LEU A 82 3.53 8.53 12.14
CA LEU A 82 3.64 7.07 12.14
C LEU A 82 4.95 6.50 12.67
N CYS A 83 5.98 7.34 12.75
CA CYS A 83 7.29 6.88 13.22
C CYS A 83 7.15 6.06 14.51
N GLY A 84 7.72 4.86 14.50
CA GLY A 84 7.66 4.00 15.67
C GLY A 84 6.69 2.85 15.49
N GLY A 85 5.73 3.01 14.59
CA GLY A 85 4.76 1.97 14.34
C GLY A 85 5.41 0.72 13.78
N PRO A 86 4.81 -0.46 14.00
CA PRO A 86 5.39 -1.70 13.49
C PRO A 86 5.55 -1.77 11.97
N ASN A 87 6.79 -2.02 11.54
CA ASN A 87 7.12 -2.15 10.13
C ASN A 87 6.88 -0.96 9.23
N ILE A 88 6.86 0.23 9.82
CA ILE A 88 6.69 1.43 9.03
C ILE A 88 8.07 2.07 8.95
N VAL A 89 8.47 2.51 7.77
CA VAL A 89 9.78 3.12 7.60
C VAL A 89 9.91 4.30 8.56
N LYS A 90 11.07 4.40 9.21
CA LYS A 90 11.29 5.48 10.17
C LYS A 90 12.09 6.65 9.59
N LEU A 91 11.48 7.83 9.63
CA LEU A 91 12.11 9.05 9.15
C LEU A 91 13.08 9.54 10.22
N LEU A 92 14.35 9.65 9.85
CA LEU A 92 15.39 10.07 10.79
C LEU A 92 15.79 11.54 10.68
N ASP A 93 15.78 12.07 9.46
CA ASP A 93 16.18 13.45 9.27
C ASP A 93 15.59 13.99 7.97
N ILE A 94 15.57 15.31 7.84
CA ILE A 94 15.05 15.98 6.66
C ILE A 94 16.07 17.07 6.32
N VAL A 95 16.66 16.99 5.13
CA VAL A 95 17.66 17.98 4.73
C VAL A 95 17.39 18.50 3.32
N ARG A 96 18.02 19.62 2.96
CA ARG A 96 17.85 20.17 1.63
C ARG A 96 19.03 19.70 0.77
N ASP A 97 18.72 19.15 -0.39
CA ASP A 97 19.73 18.65 -1.31
C ASP A 97 20.69 19.77 -1.70
N GLN A 98 21.98 19.44 -1.84
CA GLN A 98 23.03 20.40 -2.22
C GLN A 98 22.68 21.27 -3.39
N HIS A 99 22.05 20.68 -4.39
CA HIS A 99 21.77 21.42 -5.60
C HIS A 99 20.42 21.21 -6.27
N SER A 100 19.43 21.94 -5.78
CA SER A 100 18.07 21.89 -6.28
C SER A 100 17.26 22.37 -5.09
N LYS A 101 17.87 22.22 -3.91
CA LYS A 101 17.26 22.65 -2.69
C LYS A 101 16.03 21.84 -2.28
N THR A 102 15.72 20.78 -3.04
CA THR A 102 14.56 19.95 -2.74
C THR A 102 14.75 19.20 -1.43
N PRO A 103 13.65 19.00 -0.70
CA PRO A 103 13.82 18.27 0.57
C PRO A 103 14.28 16.84 0.29
N SER A 104 15.18 16.35 1.15
CA SER A 104 15.71 15.00 1.04
C SER A 104 15.35 14.32 2.36
N LEU A 105 14.67 13.18 2.28
CA LEU A 105 14.29 12.48 3.49
C LEU A 105 15.31 11.39 3.79
N ILE A 106 15.75 11.33 5.05
CA ILE A 106 16.72 10.34 5.48
C ILE A 106 16.00 9.27 6.27
N PHE A 107 16.21 8.01 5.88
CA PHE A 107 15.55 6.90 6.53
C PHE A 107 16.50 5.81 7.02
N GLU A 108 15.95 4.96 7.88
CA GLU A 108 16.65 3.82 8.42
C GLU A 108 17.02 2.99 7.18
N TYR A 109 18.18 2.35 7.19
CA TYR A 109 18.56 1.56 6.03
C TYR A 109 17.83 0.20 6.02
N VAL A 110 17.58 -0.31 4.81
CA VAL A 110 16.94 -1.60 4.62
C VAL A 110 17.59 -2.24 3.41
N ASN A 111 18.05 -3.47 3.58
CA ASN A 111 18.74 -4.21 2.53
C ASN A 111 17.73 -4.98 1.67
N ASN A 112 16.93 -4.25 0.91
CA ASN A 112 15.89 -4.82 0.07
C ASN A 112 16.37 -5.60 -1.16
N THR A 113 15.50 -6.46 -1.68
CA THR A 113 15.74 -7.23 -2.89
C THR A 113 14.47 -7.05 -3.71
N ASP A 114 14.60 -6.46 -4.89
CA ASP A 114 13.43 -6.23 -5.75
C ASP A 114 12.53 -7.45 -5.74
N PHE A 115 11.22 -7.22 -5.65
CA PHE A 115 10.27 -8.31 -5.60
C PHE A 115 10.29 -9.23 -6.81
N LYS A 116 10.72 -8.72 -7.97
CA LYS A 116 10.75 -9.57 -9.16
C LYS A 116 11.78 -10.70 -9.01
N VAL A 117 12.78 -10.46 -8.16
CA VAL A 117 13.83 -11.44 -7.91
C VAL A 117 13.55 -12.23 -6.62
N LEU A 118 13.03 -11.53 -5.61
CA LEU A 118 12.75 -12.14 -4.32
C LEU A 118 11.53 -13.05 -4.26
N TYR A 119 10.39 -12.54 -4.70
CA TYR A 119 9.15 -13.31 -4.66
C TYR A 119 9.21 -14.72 -5.23
N PRO A 120 9.91 -14.91 -6.36
CA PRO A 120 9.97 -16.27 -6.91
C PRO A 120 10.55 -17.28 -5.91
N THR A 121 11.39 -16.80 -5.00
CA THR A 121 12.05 -17.67 -4.01
C THR A 121 11.27 -17.85 -2.70
N LEU A 122 10.20 -17.10 -2.51
CA LEU A 122 9.43 -17.22 -1.28
C LEU A 122 8.65 -18.51 -1.19
N THR A 123 8.71 -19.15 -0.03
CA THR A 123 8.01 -20.39 0.23
C THR A 123 6.60 -20.09 0.72
N ASP A 124 5.77 -21.13 0.81
CA ASP A 124 4.41 -20.98 1.30
C ASP A 124 4.41 -20.22 2.64
N TYR A 125 5.29 -20.63 3.55
CA TYR A 125 5.36 -19.97 4.85
C TYR A 125 5.87 -18.54 4.78
N ASP A 126 6.85 -18.31 3.90
CA ASP A 126 7.42 -16.97 3.74
C ASP A 126 6.34 -15.96 3.39
N ILE A 127 5.44 -16.32 2.47
CA ILE A 127 4.38 -15.41 2.06
C ILE A 127 3.47 -15.08 3.24
N ARG A 128 3.09 -16.09 4.01
CA ARG A 128 2.23 -15.87 5.17
C ARG A 128 2.93 -14.91 6.14
N TYR A 129 4.20 -15.18 6.40
CA TYR A 129 5.00 -14.36 7.30
C TYR A 129 5.09 -12.89 6.86
N TYR A 130 5.54 -12.65 5.64
CA TYR A 130 5.68 -11.27 5.15
C TYR A 130 4.36 -10.52 5.01
N ILE A 131 3.31 -11.19 4.55
CA ILE A 131 2.02 -10.52 4.42
C ILE A 131 1.56 -10.14 5.84
N TYR A 132 1.81 -11.02 6.81
CA TYR A 132 1.42 -10.72 8.18
C TYR A 132 2.15 -9.46 8.67
N GLU A 133 3.45 -9.35 8.38
CA GLU A 133 4.24 -8.19 8.79
C GLU A 133 3.69 -6.93 8.12
N LEU A 134 3.30 -7.05 6.85
CA LEU A 134 2.74 -5.92 6.13
C LEU A 134 1.41 -5.47 6.75
N LEU A 135 0.59 -6.44 7.18
CA LEU A 135 -0.70 -6.11 7.80
C LEU A 135 -0.50 -5.34 9.10
N LYS A 136 0.58 -5.66 9.83
CA LYS A 136 0.88 -4.97 11.07
C LYS A 136 1.02 -3.47 10.78
N ALA A 137 1.71 -3.15 9.69
CA ALA A 137 1.93 -1.77 9.29
C ALA A 137 0.62 -1.10 8.88
N LEU A 138 -0.20 -1.80 8.10
CA LEU A 138 -1.48 -1.24 7.66
C LEU A 138 -2.45 -1.00 8.82
N ASP A 139 -2.61 -1.99 9.70
CA ASP A 139 -3.52 -1.77 10.81
C ASP A 139 -3.01 -0.60 11.63
N TYR A 140 -1.69 -0.49 11.77
CA TYR A 140 -1.14 0.61 12.53
C TYR A 140 -1.46 1.97 11.92
N CYS A 141 -1.13 2.18 10.64
CA CYS A 141 -1.40 3.48 10.06
C CYS A 141 -2.90 3.79 10.03
N HIS A 142 -3.74 2.79 9.77
CA HIS A 142 -5.18 3.01 9.76
C HIS A 142 -5.65 3.43 11.17
N SER A 143 -5.12 2.76 12.20
CA SER A 143 -5.48 3.07 13.58
C SER A 143 -5.02 4.48 13.96
N GLN A 144 -4.09 5.03 13.18
CA GLN A 144 -3.60 6.39 13.41
C GLN A 144 -4.24 7.39 12.43
N GLY A 145 -5.37 6.98 11.85
CA GLY A 145 -6.12 7.81 10.92
C GLY A 145 -5.51 8.11 9.57
N ILE A 146 -4.69 7.20 9.07
CA ILE A 146 -4.01 7.40 7.79
C ILE A 146 -4.23 6.27 6.80
N MET A 147 -4.41 6.64 5.54
CA MET A 147 -4.59 5.68 4.45
C MET A 147 -3.29 5.77 3.64
N HIS A 148 -2.67 4.63 3.35
CA HIS A 148 -1.43 4.64 2.57
C HIS A 148 -1.70 5.03 1.11
N ARG A 149 -2.72 4.41 0.51
CA ARG A 149 -3.13 4.69 -0.87
C ARG A 149 -2.19 4.32 -2.02
N ASP A 150 -1.12 3.60 -1.72
CA ASP A 150 -0.21 3.17 -2.78
C ASP A 150 0.50 1.88 -2.37
N VAL A 151 -0.28 0.94 -1.85
CA VAL A 151 0.26 -0.35 -1.43
C VAL A 151 0.51 -1.19 -2.68
N LYS A 152 1.72 -1.71 -2.79
CA LYS A 152 2.15 -2.54 -3.91
C LYS A 152 3.53 -3.09 -3.53
N PRO A 153 3.98 -4.17 -4.20
CA PRO A 153 5.30 -4.75 -3.90
C PRO A 153 6.43 -3.73 -3.90
N HIS A 154 6.39 -2.81 -4.86
CA HIS A 154 7.41 -1.78 -5.01
C HIS A 154 7.57 -0.91 -3.78
N ASN A 155 6.54 -0.83 -2.95
CA ASN A 155 6.62 0.00 -1.74
C ASN A 155 6.74 -0.82 -0.47
N VAL A 156 7.17 -2.08 -0.61
CA VAL A 156 7.36 -2.97 0.53
C VAL A 156 8.81 -3.45 0.46
N MET A 157 9.66 -2.91 1.34
CA MET A 157 11.07 -3.29 1.38
C MET A 157 11.22 -4.50 2.28
N ILE A 158 11.93 -5.52 1.79
CA ILE A 158 12.15 -6.74 2.56
C ILE A 158 13.62 -7.14 2.57
N ASP A 159 14.18 -7.31 3.77
CA ASP A 159 15.55 -7.78 3.92
C ASP A 159 15.27 -9.25 4.18
N HIS A 160 15.37 -10.08 3.15
CA HIS A 160 15.06 -11.50 3.29
C HIS A 160 15.98 -12.24 4.26
N GLU A 161 17.22 -11.80 4.31
CA GLU A 161 18.20 -12.41 5.20
C GLU A 161 17.78 -12.21 6.66
N LEU A 162 17.39 -10.99 7.00
CA LEU A 162 16.96 -10.67 8.36
C LEU A 162 15.45 -10.88 8.56
N ARG A 163 14.74 -11.19 7.48
CA ARG A 163 13.28 -11.37 7.52
C ARG A 163 12.62 -10.12 8.11
N LYS A 164 13.07 -8.98 7.62
CA LYS A 164 12.59 -7.67 8.04
C LYS A 164 11.80 -7.02 6.91
N LEU A 165 10.64 -6.45 7.25
CA LEU A 165 9.79 -5.78 6.26
C LEU A 165 9.46 -4.35 6.67
N ARG A 166 9.46 -3.44 5.71
CA ARG A 166 9.15 -2.04 5.95
C ARG A 166 8.20 -1.52 4.86
N LEU A 167 7.14 -0.82 5.26
CA LEU A 167 6.21 -0.23 4.30
C LEU A 167 6.71 1.19 4.04
N ILE A 168 7.10 1.45 2.80
CA ILE A 168 7.63 2.76 2.43
C ILE A 168 6.74 3.60 1.51
N ASP A 169 7.29 4.73 1.08
CA ASP A 169 6.66 5.73 0.20
C ASP A 169 5.25 6.14 0.60
N TRP A 170 5.20 7.08 1.54
CA TRP A 170 3.95 7.61 2.06
C TRP A 170 3.61 8.93 1.34
N GLY A 171 4.20 9.13 0.17
CA GLY A 171 3.97 10.33 -0.60
C GLY A 171 2.54 10.52 -1.11
N LEU A 172 1.76 9.44 -1.14
CA LEU A 172 0.38 9.53 -1.58
C LEU A 172 -0.60 9.30 -0.44
N ALA A 173 -0.06 9.04 0.76
CA ALA A 173 -0.88 8.80 1.93
C ALA A 173 -1.68 10.04 2.34
N GLU A 174 -2.81 9.84 3.01
CA GLU A 174 -3.65 10.96 3.43
C GLU A 174 -4.36 10.67 4.74
N PHE A 175 -4.84 11.74 5.40
CA PHE A 175 -5.57 11.58 6.65
C PHE A 175 -7.02 11.27 6.33
N TYR A 176 -7.60 10.34 7.07
CA TYR A 176 -8.99 9.99 6.84
C TYR A 176 -9.93 10.87 7.66
N HIS A 177 -10.88 11.52 7.00
CA HIS A 177 -11.86 12.37 7.65
C HIS A 177 -13.20 11.89 7.12
N PRO A 178 -14.11 11.49 8.03
CA PRO A 178 -15.45 11.00 7.64
C PRO A 178 -16.16 11.90 6.64
N GLY A 179 -16.62 11.29 5.54
CA GLY A 179 -17.34 12.05 4.53
C GLY A 179 -16.51 12.81 3.52
N LYS A 180 -15.20 12.91 3.73
CA LYS A 180 -14.36 13.66 2.79
C LYS A 180 -14.27 12.94 1.45
N GLU A 181 -14.32 13.72 0.37
CA GLU A 181 -14.22 13.18 -0.98
C GLU A 181 -12.75 13.30 -1.36
N TYR A 182 -12.12 12.19 -1.70
CA TYR A 182 -10.71 12.20 -2.08
C TYR A 182 -10.50 12.02 -3.57
N ASN A 183 -9.30 12.34 -4.03
CA ASN A 183 -8.99 12.17 -5.45
C ASN A 183 -8.86 10.69 -5.75
N VAL A 184 -9.39 10.26 -6.89
CA VAL A 184 -9.34 8.86 -7.28
C VAL A 184 -8.04 8.49 -7.99
N ARG A 185 -7.24 9.50 -8.35
CA ARG A 185 -5.97 9.23 -9.02
C ARG A 185 -4.85 8.97 -8.02
N VAL A 186 -5.01 7.90 -7.26
CA VAL A 186 -4.01 7.48 -6.28
C VAL A 186 -3.69 6.01 -6.55
N ALA A 187 -2.68 5.49 -5.89
CA ALA A 187 -2.24 4.11 -6.08
C ALA A 187 -1.78 3.91 -7.53
N SER A 188 -1.21 2.75 -7.82
CA SER A 188 -0.76 2.44 -9.20
C SER A 188 -1.92 1.71 -9.85
N ARG A 189 -2.09 1.92 -11.15
CA ARG A 189 -3.18 1.30 -11.90
C ARG A 189 -3.54 -0.14 -11.52
N TYR A 190 -2.55 -1.03 -11.47
CA TYR A 190 -2.82 -2.44 -11.16
C TYR A 190 -3.33 -2.72 -9.76
N PHE A 191 -3.14 -1.77 -8.86
CA PHE A 191 -3.56 -1.94 -7.47
C PHE A 191 -4.72 -1.05 -7.07
N LYS A 192 -5.30 -0.37 -8.06
CA LYS A 192 -6.43 0.52 -7.80
C LYS A 192 -7.68 -0.28 -7.48
N GLY A 193 -8.38 0.14 -6.43
CA GLY A 193 -9.60 -0.54 -6.05
C GLY A 193 -10.78 -0.10 -6.91
N PRO A 194 -11.88 -0.85 -6.93
CA PRO A 194 -13.09 -0.54 -7.71
C PRO A 194 -13.58 0.88 -7.44
N GLU A 195 -13.47 1.33 -6.20
CA GLU A 195 -13.91 2.67 -5.82
C GLU A 195 -13.21 3.77 -6.61
N LEU A 196 -11.94 3.57 -6.91
CA LEU A 196 -11.18 4.57 -7.66
C LEU A 196 -11.53 4.53 -9.13
N LEU A 197 -11.96 3.36 -9.60
CA LEU A 197 -12.29 3.15 -11.01
C LEU A 197 -13.73 3.50 -11.39
N VAL A 198 -14.62 3.61 -10.40
CA VAL A 198 -16.01 3.97 -10.67
C VAL A 198 -16.32 5.35 -10.08
N ASP A 199 -15.29 6.00 -9.56
CA ASP A 199 -15.40 7.35 -8.99
C ASP A 199 -16.16 7.49 -7.66
N LEU A 200 -16.03 6.51 -6.78
CA LEU A 200 -16.67 6.61 -5.46
C LEU A 200 -15.55 7.29 -4.68
N GLN A 201 -15.68 8.61 -4.51
CA GLN A 201 -14.64 9.40 -3.86
C GLN A 201 -14.57 9.42 -2.34
N ASP A 202 -15.65 9.04 -1.67
CA ASP A 202 -15.64 9.02 -0.22
C ASP A 202 -15.21 7.64 0.27
N TYR A 203 -14.01 7.23 -0.17
CA TYR A 203 -13.44 5.93 0.19
C TYR A 203 -12.67 6.05 1.50
N ASP A 204 -12.14 4.94 1.98
CA ASP A 204 -11.41 4.96 3.25
C ASP A 204 -10.24 3.96 3.29
N TYR A 205 -9.82 3.61 4.51
CA TYR A 205 -8.72 2.68 4.72
C TYR A 205 -8.86 1.39 3.92
N SER A 206 -10.10 0.98 3.67
CA SER A 206 -10.37 -0.24 2.94
C SER A 206 -9.75 -0.29 1.55
N LEU A 207 -9.43 0.87 0.99
CA LEU A 207 -8.79 0.94 -0.32
C LEU A 207 -7.46 0.18 -0.27
N ASP A 208 -6.73 0.35 0.83
CA ASP A 208 -5.44 -0.33 1.01
C ASP A 208 -5.60 -1.85 1.09
N MET A 209 -6.75 -2.30 1.57
CA MET A 209 -6.99 -3.72 1.68
C MET A 209 -7.19 -4.35 0.31
N TRP A 210 -7.75 -3.59 -0.64
CA TRP A 210 -7.91 -4.10 -2.00
C TRP A 210 -6.53 -4.22 -2.63
N SER A 211 -5.72 -3.17 -2.46
CA SER A 211 -4.38 -3.15 -3.02
C SER A 211 -3.56 -4.31 -2.46
N LEU A 212 -3.74 -4.59 -1.16
CA LEU A 212 -3.03 -5.69 -0.53
C LEU A 212 -3.48 -6.98 -1.20
N GLY A 213 -4.78 -7.09 -1.47
CA GLY A 213 -5.32 -8.28 -2.11
C GLY A 213 -4.72 -8.53 -3.48
N CYS A 214 -4.52 -7.45 -4.23
CA CYS A 214 -3.94 -7.56 -5.57
C CYS A 214 -2.52 -8.08 -5.45
N MET A 215 -1.80 -7.52 -4.49
CA MET A 215 -0.42 -7.90 -4.23
C MET A 215 -0.37 -9.37 -3.82
N PHE A 216 -1.25 -9.76 -2.89
CA PHE A 216 -1.31 -11.15 -2.42
C PHE A 216 -1.66 -12.12 -3.55
N ALA A 217 -2.63 -11.74 -4.38
CA ALA A 217 -3.05 -12.58 -5.50
C ALA A 217 -1.87 -12.81 -6.44
N GLY A 218 -1.07 -11.77 -6.66
CA GLY A 218 0.08 -11.88 -7.53
C GLY A 218 1.13 -12.81 -6.95
N MET A 219 1.26 -12.79 -5.64
CA MET A 219 2.23 -13.63 -4.94
C MET A 219 1.87 -15.12 -4.95
N ILE A 220 0.65 -15.46 -4.54
CA ILE A 220 0.29 -16.87 -4.50
C ILE A 220 0.05 -17.48 -5.87
N PHE A 221 -0.37 -16.67 -6.84
CA PHE A 221 -0.61 -17.21 -8.17
C PHE A 221 0.56 -17.01 -9.14
N ARG A 222 1.60 -16.31 -8.67
CA ARG A 222 2.78 -16.05 -9.50
C ARG A 222 2.36 -15.41 -10.82
N LYS A 223 1.45 -14.45 -10.71
CA LYS A 223 0.93 -13.71 -11.86
C LYS A 223 0.98 -12.26 -11.45
N GLU A 224 1.98 -11.53 -11.94
CA GLU A 224 2.14 -10.13 -11.56
C GLU A 224 2.29 -9.17 -12.73
N PRO A 225 1.44 -8.14 -12.77
CA PRO A 225 0.40 -7.91 -11.75
C PRO A 225 -0.78 -8.86 -11.99
N PHE A 226 -1.60 -9.07 -10.98
CA PHE A 226 -2.74 -9.98 -11.13
C PHE A 226 -3.80 -9.41 -12.08
N PHE A 227 -4.16 -8.14 -11.89
CA PHE A 227 -5.14 -7.45 -12.74
C PHE A 227 -4.30 -6.51 -13.60
N TYR A 228 -4.05 -6.93 -14.84
CA TYR A 228 -3.21 -6.19 -15.75
C TYR A 228 -3.96 -5.41 -16.82
N GLY A 229 -4.52 -4.26 -16.43
CA GLY A 229 -5.27 -3.44 -17.38
C GLY A 229 -4.34 -2.50 -18.14
N HIS A 230 -4.70 -2.12 -19.37
CA HIS A 230 -3.86 -1.22 -20.14
C HIS A 230 -4.12 0.26 -19.83
N ASP A 231 -5.21 0.53 -19.12
CA ASP A 231 -5.56 1.87 -18.68
C ASP A 231 -6.63 1.74 -17.59
N ASN A 232 -7.04 2.86 -16.99
CA ASN A 232 -8.02 2.80 -15.91
C ASN A 232 -9.34 2.10 -16.24
N HIS A 233 -9.87 2.33 -17.44
CA HIS A 233 -11.10 1.69 -17.85
C HIS A 233 -10.89 0.19 -17.97
N ASP A 234 -9.80 -0.19 -18.62
CA ASP A 234 -9.48 -1.60 -18.82
C ASP A 234 -9.20 -2.28 -17.48
N GLN A 235 -8.68 -1.53 -16.51
CA GLN A 235 -8.39 -2.09 -15.20
C GLN A 235 -9.67 -2.65 -14.59
N LEU A 236 -10.78 -1.92 -14.69
CA LEU A 236 -12.05 -2.39 -14.15
C LEU A 236 -12.51 -3.61 -14.96
N VAL A 237 -12.27 -3.58 -16.26
CA VAL A 237 -12.64 -4.70 -17.12
C VAL A 237 -11.93 -5.96 -16.64
N LYS A 238 -10.62 -5.85 -16.40
CA LYS A 238 -9.83 -6.99 -15.95
C LYS A 238 -10.35 -7.56 -14.61
N ILE A 239 -10.78 -6.67 -13.72
CA ILE A 239 -11.31 -7.09 -12.43
C ILE A 239 -12.66 -7.79 -12.62
N ALA A 240 -13.51 -7.18 -13.43
CA ALA A 240 -14.84 -7.73 -13.72
C ALA A 240 -14.78 -9.12 -14.33
N LYS A 241 -13.75 -9.37 -15.14
CA LYS A 241 -13.58 -10.68 -15.78
C LYS A 241 -13.19 -11.77 -14.80
N VAL A 242 -12.87 -11.39 -13.57
CA VAL A 242 -12.52 -12.36 -12.54
C VAL A 242 -13.63 -12.41 -11.50
N LEU A 243 -13.95 -11.28 -10.90
CA LEU A 243 -14.99 -11.22 -9.89
C LEU A 243 -16.40 -11.38 -10.46
N GLY A 244 -16.57 -11.10 -11.76
CA GLY A 244 -17.88 -11.22 -12.38
C GLY A 244 -18.64 -9.91 -12.34
N THR A 245 -19.55 -9.70 -13.29
CA THR A 245 -20.32 -8.46 -13.33
C THR A 245 -21.54 -8.45 -12.41
N ASP A 246 -22.00 -9.63 -12.00
CA ASP A 246 -23.15 -9.70 -11.10
C ASP A 246 -22.82 -8.96 -9.81
N GLY A 247 -21.62 -9.23 -9.28
CA GLY A 247 -21.19 -8.56 -8.06
C GLY A 247 -20.97 -7.07 -8.29
N LEU A 248 -20.54 -6.70 -9.48
CA LEU A 248 -20.33 -5.28 -9.80
C LEU A 248 -21.66 -4.53 -9.83
N ASN A 249 -22.69 -5.17 -10.39
CA ASN A 249 -24.02 -4.57 -10.46
C ASN A 249 -24.59 -4.28 -9.09
N VAL A 250 -24.50 -5.25 -8.19
CA VAL A 250 -24.99 -5.08 -6.83
C VAL A 250 -24.28 -3.89 -6.17
N TYR A 251 -22.96 -3.87 -6.31
CA TYR A 251 -22.11 -2.81 -5.77
C TYR A 251 -22.51 -1.43 -6.29
N LEU A 252 -22.64 -1.29 -7.59
CA LEU A 252 -23.00 0.00 -8.19
C LEU A 252 -24.39 0.44 -7.74
N ASN A 253 -25.33 -0.51 -7.63
CA ASN A 253 -26.69 -0.17 -7.21
C ASN A 253 -26.71 0.30 -5.76
N LYS A 254 -25.93 -0.36 -4.91
CA LYS A 254 -25.85 0.01 -3.50
C LYS A 254 -25.40 1.45 -3.31
N TYR A 255 -24.36 1.83 -4.03
CA TYR A 255 -23.82 3.18 -3.93
C TYR A 255 -24.41 4.13 -4.97
N ARG A 256 -25.47 3.67 -5.63
CA ARG A 256 -26.16 4.46 -6.64
C ARG A 256 -25.20 5.06 -7.66
N ILE A 257 -24.26 4.24 -8.13
CA ILE A 257 -23.30 4.69 -9.11
C ILE A 257 -23.73 4.16 -10.47
N GLU A 258 -23.48 4.95 -11.50
CA GLU A 258 -23.85 4.56 -12.85
C GLU A 258 -22.63 4.82 -13.71
N LEU A 259 -22.09 3.76 -14.32
CA LEU A 259 -20.90 3.90 -15.17
C LEU A 259 -21.25 4.66 -16.45
N ASP A 260 -20.32 5.49 -16.92
CA ASP A 260 -20.57 6.23 -18.15
C ASP A 260 -20.70 5.19 -19.27
N PRO A 261 -21.41 5.52 -20.35
CA PRO A 261 -21.61 4.64 -21.50
C PRO A 261 -20.41 3.85 -22.01
N GLN A 262 -19.26 4.51 -22.21
CA GLN A 262 -18.08 3.82 -22.71
C GLN A 262 -17.57 2.71 -21.82
N LEU A 263 -17.41 3.00 -20.53
CA LEU A 263 -16.93 2.03 -19.57
C LEU A 263 -17.90 0.85 -19.41
N GLU A 264 -19.19 1.15 -19.36
CA GLU A 264 -20.19 0.09 -19.22
C GLU A 264 -20.06 -0.90 -20.39
N ALA A 265 -19.82 -0.38 -21.58
CA ALA A 265 -19.67 -1.23 -22.76
C ALA A 265 -18.39 -2.06 -22.66
N LEU A 266 -17.28 -1.41 -22.29
CA LEU A 266 -16.01 -2.12 -22.17
C LEU A 266 -16.11 -3.24 -21.13
N VAL A 267 -16.80 -2.98 -20.03
CA VAL A 267 -16.94 -3.98 -18.96
C VAL A 267 -17.73 -5.22 -19.40
N GLY A 268 -18.73 -5.02 -20.25
CA GLY A 268 -19.52 -6.14 -20.72
C GLY A 268 -20.23 -6.92 -19.62
N ARG A 269 -20.30 -8.23 -19.79
CA ARG A 269 -20.95 -9.09 -18.82
C ARG A 269 -20.08 -10.35 -18.68
N HIS A 270 -19.68 -10.67 -17.45
CA HIS A 270 -18.81 -11.81 -17.23
C HIS A 270 -19.22 -12.63 -16.02
N SER A 271 -19.15 -13.95 -16.14
CA SER A 271 -19.47 -14.80 -15.02
C SER A 271 -18.22 -14.81 -14.17
N ARG A 272 -18.39 -15.01 -12.87
CA ARG A 272 -17.25 -15.05 -11.97
C ARG A 272 -16.35 -16.24 -12.25
N LYS A 273 -15.05 -16.02 -12.14
CA LYS A 273 -14.05 -17.06 -12.36
C LYS A 273 -13.47 -17.53 -11.02
N PRO A 274 -13.83 -18.75 -10.58
CA PRO A 274 -13.34 -19.30 -9.30
C PRO A 274 -11.82 -19.14 -9.15
N TRP A 275 -11.39 -18.75 -7.95
CA TRP A 275 -9.97 -18.55 -7.68
C TRP A 275 -9.11 -19.76 -8.04
N LEU A 276 -9.64 -20.97 -7.84
CA LEU A 276 -8.89 -22.18 -8.15
C LEU A 276 -8.53 -22.31 -9.64
N LYS A 277 -9.30 -21.66 -10.49
CA LYS A 277 -9.03 -21.71 -11.93
C LYS A 277 -7.67 -21.06 -12.26
N PHE A 278 -7.12 -20.32 -11.30
CA PHE A 278 -5.83 -19.66 -11.49
C PHE A 278 -4.67 -20.53 -11.07
N MET A 279 -4.97 -21.66 -10.45
CA MET A 279 -3.92 -22.57 -10.01
C MET A 279 -3.38 -23.36 -11.18
N ASN A 280 -2.06 -23.41 -11.30
CA ASN A 280 -1.40 -24.16 -12.35
C ASN A 280 -0.14 -24.77 -11.77
N ALA A 281 0.67 -25.41 -12.62
CA ALA A 281 1.89 -26.06 -12.14
C ALA A 281 2.94 -25.10 -11.57
N ASP A 282 2.86 -23.82 -11.95
CA ASP A 282 3.81 -22.83 -11.49
C ASP A 282 3.53 -22.28 -10.09
N ASN A 283 2.28 -22.34 -9.66
CA ASN A 283 1.93 -21.78 -8.36
C ASN A 283 1.27 -22.77 -7.39
N GLN A 284 1.12 -24.02 -7.80
CA GLN A 284 0.47 -25.01 -6.96
C GLN A 284 1.06 -25.13 -5.56
N HIS A 285 2.37 -24.91 -5.44
CA HIS A 285 3.02 -24.99 -4.14
C HIS A 285 2.60 -23.85 -3.21
N LEU A 286 1.95 -22.82 -3.74
CA LEU A 286 1.53 -21.67 -2.94
C LEU A 286 0.02 -21.51 -2.76
N VAL A 287 -0.75 -22.15 -3.62
CA VAL A 287 -2.20 -22.05 -3.55
C VAL A 287 -2.77 -23.10 -2.61
N SER A 288 -3.36 -22.62 -1.53
CA SER A 288 -3.98 -23.47 -0.52
C SER A 288 -5.37 -22.92 -0.25
N PRO A 289 -6.28 -23.75 0.30
CA PRO A 289 -7.63 -23.29 0.60
C PRO A 289 -7.67 -22.08 1.55
N GLU A 290 -6.75 -22.03 2.51
CA GLU A 290 -6.71 -20.91 3.45
C GLU A 290 -6.26 -19.65 2.73
N ALA A 291 -5.30 -19.78 1.82
CA ALA A 291 -4.81 -18.64 1.04
C ALA A 291 -5.95 -18.07 0.19
N ILE A 292 -6.69 -18.96 -0.47
CA ILE A 292 -7.82 -18.55 -1.31
C ILE A 292 -8.91 -17.88 -0.48
N ASP A 293 -9.24 -18.44 0.68
CA ASP A 293 -10.27 -17.88 1.54
C ASP A 293 -9.90 -16.47 1.98
N PHE A 294 -8.62 -16.30 2.33
CA PHE A 294 -8.13 -14.99 2.76
C PHE A 294 -8.19 -14.02 1.58
N LEU A 295 -7.68 -14.44 0.44
CA LEU A 295 -7.70 -13.59 -0.76
C LEU A 295 -9.12 -13.17 -1.10
N ASP A 296 -10.04 -14.14 -1.04
CA ASP A 296 -11.43 -13.89 -1.38
C ASP A 296 -12.11 -12.83 -0.53
N LYS A 297 -11.69 -12.75 0.74
CA LYS A 297 -12.25 -11.77 1.66
C LYS A 297 -11.61 -10.39 1.53
N LEU A 298 -10.57 -10.28 0.70
CA LEU A 298 -9.90 -9.01 0.47
C LEU A 298 -10.40 -8.41 -0.83
N LEU A 299 -10.50 -9.24 -1.86
CA LEU A 299 -10.93 -8.77 -3.17
C LEU A 299 -12.44 -8.79 -3.34
N ARG A 300 -13.10 -7.81 -2.74
CA ARG A 300 -14.54 -7.63 -2.81
C ARG A 300 -14.76 -6.25 -3.44
N TYR A 301 -15.73 -6.14 -4.35
CA TYR A 301 -16.02 -4.85 -4.96
C TYR A 301 -16.34 -3.84 -3.87
N ASP A 302 -17.29 -4.20 -3.02
CA ASP A 302 -17.74 -3.33 -1.94
C ASP A 302 -16.65 -3.16 -0.89
N HIS A 303 -16.08 -1.96 -0.81
CA HIS A 303 -15.02 -1.70 0.16
C HIS A 303 -15.47 -1.96 1.60
N GLN A 304 -16.76 -1.84 1.86
CA GLN A 304 -17.29 -2.06 3.20
C GLN A 304 -17.35 -3.54 3.58
N GLU A 305 -17.24 -4.41 2.57
CA GLU A 305 -17.28 -5.86 2.78
C GLU A 305 -15.90 -6.46 3.01
N ARG A 306 -14.85 -5.72 2.63
CA ARG A 306 -13.48 -6.22 2.78
C ARG A 306 -13.04 -6.39 4.23
N LEU A 307 -12.11 -7.30 4.46
CA LEU A 307 -11.59 -7.50 5.80
C LEU A 307 -10.84 -6.24 6.16
N THR A 308 -10.82 -5.90 7.44
CA THR A 308 -10.06 -4.75 7.91
C THR A 308 -8.69 -5.36 8.19
N ALA A 309 -7.65 -4.53 8.26
CA ALA A 309 -6.30 -5.05 8.53
C ALA A 309 -6.28 -5.89 9.81
N LEU A 310 -6.99 -5.40 10.84
CA LEU A 310 -7.06 -6.09 12.12
C LEU A 310 -7.70 -7.48 11.97
N GLU A 311 -8.80 -7.55 11.22
CA GLU A 311 -9.48 -8.83 10.98
C GLU A 311 -8.57 -9.75 10.17
N ALA A 312 -7.95 -9.19 9.14
CA ALA A 312 -7.06 -9.97 8.28
C ALA A 312 -5.97 -10.69 9.07
N MET A 313 -5.36 -9.99 10.02
CA MET A 313 -4.29 -10.59 10.82
C MET A 313 -4.71 -11.81 11.62
N THR A 314 -6.01 -11.93 11.90
CA THR A 314 -6.52 -13.05 12.68
C THR A 314 -7.01 -14.24 11.84
N HIS A 315 -6.96 -14.09 10.52
CA HIS A 315 -7.41 -15.17 9.63
C HIS A 315 -6.55 -16.41 9.87
N PRO A 316 -7.17 -17.60 9.90
CA PRO A 316 -6.43 -18.85 10.14
C PRO A 316 -5.21 -19.05 9.25
N TYR A 317 -5.19 -18.40 8.09
CA TYR A 317 -4.07 -18.50 7.17
C TYR A 317 -2.75 -18.15 7.86
N PHE A 318 -2.80 -17.20 8.79
CA PHE A 318 -1.60 -16.76 9.53
C PHE A 318 -1.46 -17.42 10.90
N GLN A 319 -2.23 -18.46 11.18
CA GLN A 319 -2.17 -19.07 12.50
C GLN A 319 -0.78 -19.50 12.97
N GLN A 320 0.04 -20.06 12.08
CA GLN A 320 1.39 -20.45 12.48
C GLN A 320 2.26 -19.22 12.72
N VAL A 321 2.05 -18.18 11.93
CA VAL A 321 2.84 -16.97 12.10
C VAL A 321 2.53 -16.39 13.48
N ARG A 322 1.25 -16.40 13.87
CA ARG A 322 0.86 -15.88 15.18
C ARG A 322 1.39 -16.77 16.31
N ALA A 323 1.25 -18.07 16.14
CA ALA A 323 1.73 -19.02 17.15
C ALA A 323 3.23 -18.88 17.38
N ALA A 324 3.98 -18.66 16.30
CA ALA A 324 5.43 -18.50 16.38
C ALA A 324 5.80 -17.26 17.17
N GLU A 325 4.94 -16.24 17.10
CA GLU A 325 5.16 -14.99 17.81
C GLU A 325 4.78 -15.18 19.28
N ASN A 326 3.68 -15.89 19.51
CA ASN A 326 3.16 -16.16 20.85
C ASN A 326 3.96 -17.22 21.59
N SER A 327 5.13 -17.59 21.08
CA SER A 327 5.96 -18.60 21.74
C SER A 327 7.41 -18.14 21.77
#